data_9JTR
#
_entry.id   9JTR
#
_cell.length_a   73.222
_cell.length_b   73.222
_cell.length_c   192.998
_cell.angle_alpha   90.00
_cell.angle_beta   90.00
_cell.angle_gamma   120.00
#
_symmetry.space_group_name_H-M   'P 32 2 1'
#
loop_
_entity.id
_entity.type
_entity.pdbx_description
1 polymer 'Basic chitinase'
2 non-polymer 2-acetamido-2-deoxy-beta-D-glucopyranose
3 non-polymer 'ACETIC ACID'
4 water water
#
_entity_poly.entity_id   1
_entity_poly.type   'polypeptide(L)'
_entity_poly.pdbx_seq_one_letter_code
;DVSSIITSQIFNQMLLHRNDNACPANGFYSYQAFINAARKFSGFGTTGDTNTRKNELAAFFGQTSHETTGGWSTAPDGPY
AWGYCFKQEQGNPGDYCVPSSTYPCAPGKKYYGRGPIQISYNYNYGLCGAAINQPLLSNPGLVASDADISFETAIWFWMT
PQGNKPSCHAVATGQWNPSSADQAAGRVPGYGVITNIINGGVECGQGEKAEVANRIGFYQRYCSIFGISPGQNLDCYNQR
PFS
;
_entity_poly.pdbx_strand_id   A,B
#
# COMPACT_ATOMS: atom_id res chain seq x y z
N ASP A 1 -11.02 26.56 -25.12
CA ASP A 1 -10.19 25.34 -25.24
C ASP A 1 -9.48 25.04 -23.93
N VAL A 2 -9.37 23.77 -23.60
CA VAL A 2 -8.80 23.30 -22.30
C VAL A 2 -7.31 23.65 -22.20
N SER A 3 -6.56 23.72 -23.30
CA SER A 3 -5.09 23.97 -23.27
C SER A 3 -4.76 25.38 -22.75
N SER A 4 -5.72 26.31 -22.72
CA SER A 4 -5.51 27.69 -22.19
C SER A 4 -5.48 27.72 -20.65
N ILE A 5 -6.07 26.71 -20.01
CA ILE A 5 -6.16 26.53 -18.54
C ILE A 5 -5.03 25.62 -18.08
N ILE A 6 -4.80 24.50 -18.77
CA ILE A 6 -3.77 23.50 -18.36
C ILE A 6 -2.72 23.44 -19.45
N THR A 7 -1.52 23.85 -19.09
CA THR A 7 -0.32 23.84 -19.98
C THR A 7 0.48 22.55 -19.78
N SER A 8 1.38 22.25 -20.69
CA SER A 8 2.29 21.10 -20.49
C SER A 8 2.99 21.20 -19.13
N GLN A 9 3.43 22.39 -18.71
CA GLN A 9 4.15 22.56 -17.43
C GLN A 9 3.23 22.28 -16.25
N ILE A 10 1.99 22.78 -16.24
CA ILE A 10 1.04 22.45 -15.13
C ILE A 10 0.79 20.94 -15.09
N PHE A 11 0.62 20.29 -16.22
CA PHE A 11 0.41 18.82 -16.27
C PHE A 11 1.61 18.11 -15.66
N ASN A 12 2.81 18.55 -16.03
CA ASN A 12 4.07 17.87 -15.65
C ASN A 12 4.35 18.14 -14.17
N GLN A 13 4.05 19.34 -13.66
CA GLN A 13 4.33 19.71 -12.26
C GLN A 13 3.33 18.96 -11.37
N MET A 14 2.10 18.78 -11.82
CA MET A 14 1.13 17.96 -11.04
C MET A 14 1.66 16.52 -11.01
N LEU A 15 1.93 15.96 -12.18
CA LEU A 15 2.22 14.51 -12.34
C LEU A 15 3.74 14.33 -12.36
N LEU A 16 4.37 14.83 -11.29
CA LEU A 16 5.83 15.10 -11.21
C LEU A 16 6.63 13.81 -11.40
N HIS A 17 6.20 12.70 -10.77
CA HIS A 17 7.01 11.44 -10.71
C HIS A 17 6.42 10.33 -11.58
N ARG A 18 5.43 10.62 -12.40
CA ARG A 18 4.77 9.55 -13.20
C ARG A 18 5.81 8.83 -14.09
N ASN A 19 6.90 9.50 -14.49
CA ASN A 19 7.87 8.92 -15.45
C ASN A 19 9.06 8.24 -14.77
N ASP A 20 9.01 8.19 -13.45
CA ASP A 20 10.02 7.44 -12.68
C ASP A 20 9.94 5.98 -13.11
N ASN A 21 11.08 5.31 -13.19
CA ASN A 21 11.12 3.89 -13.58
C ASN A 21 10.34 2.99 -12.60
N ALA A 22 10.18 3.41 -11.34
CA ALA A 22 9.42 2.62 -10.34
C ALA A 22 7.93 2.57 -10.68
N CYS A 23 7.47 3.52 -11.48
CA CYS A 23 6.03 3.53 -11.88
C CYS A 23 5.80 2.63 -13.07
N PRO A 24 4.96 1.56 -12.95
CA PRO A 24 4.69 0.71 -14.11
C PRO A 24 4.14 1.43 -15.34
N ALA A 25 3.40 2.54 -15.18
CA ALA A 25 2.83 3.27 -16.32
C ALA A 25 3.86 4.29 -16.86
N ASN A 26 5.11 4.25 -16.42
CA ASN A 26 6.09 5.29 -16.83
C ASN A 26 6.10 5.37 -18.36
N GLY A 27 6.06 6.61 -18.89
CA GLY A 27 6.08 6.89 -20.34
C GLY A 27 4.74 6.80 -21.03
N PHE A 28 3.67 6.40 -20.31
CA PHE A 28 2.31 6.21 -20.90
C PHE A 28 1.54 7.52 -20.97
N TYR A 29 1.34 8.19 -19.84
CA TYR A 29 0.41 9.33 -19.75
C TYR A 29 1.12 10.60 -20.23
N SER A 30 0.71 11.12 -21.37
CA SER A 30 1.27 12.37 -21.95
C SER A 30 0.25 13.50 -21.81
N TYR A 31 0.76 14.73 -21.74
CA TYR A 31 -0.04 15.94 -21.89
C TYR A 31 -0.84 15.92 -23.20
N GLN A 32 -0.19 15.59 -24.31
CA GLN A 32 -0.87 15.52 -25.63
C GLN A 32 -2.07 14.57 -25.60
N ALA A 33 -1.92 13.37 -25.03
CA ALA A 33 -3.01 12.38 -24.95
C ALA A 33 -4.18 13.01 -24.18
N PHE A 34 -3.88 13.66 -23.08
CA PHE A 34 -4.88 14.34 -22.21
C PHE A 34 -5.61 15.43 -23.00
N ILE A 35 -4.88 16.29 -23.71
CA ILE A 35 -5.52 17.42 -24.45
C ILE A 35 -6.36 16.86 -25.61
N ASN A 36 -5.83 15.87 -26.34
CA ASN A 36 -6.55 15.21 -27.46
C ASN A 36 -7.90 14.68 -26.93
N ALA A 37 -7.87 14.01 -25.79
CA ALA A 37 -9.05 13.35 -25.21
C ALA A 37 -9.99 14.45 -24.68
N ALA A 38 -9.46 15.45 -23.99
CA ALA A 38 -10.26 16.50 -23.31
C ALA A 38 -11.07 17.24 -24.37
N ARG A 39 -10.48 17.46 -25.54
CA ARG A 39 -11.14 18.24 -26.62
C ARG A 39 -12.39 17.52 -27.14
N LYS A 40 -12.50 16.21 -26.94
CA LYS A 40 -13.67 15.40 -27.44
C LYS A 40 -14.91 15.51 -26.55
N PHE A 41 -14.79 16.13 -25.38
CA PHE A 41 -15.89 16.18 -24.37
C PHE A 41 -16.25 17.65 -24.14
N SER A 42 -17.28 18.09 -24.88
CA SER A 42 -17.71 19.50 -24.88
C SER A 42 -18.06 19.91 -23.44
N GLY A 43 -17.44 20.96 -22.92
CA GLY A 43 -17.70 21.46 -21.56
C GLY A 43 -16.58 21.12 -20.59
N PHE A 44 -15.78 20.10 -20.91
CA PHE A 44 -14.77 19.56 -19.96
C PHE A 44 -13.64 20.56 -19.86
N GLY A 45 -13.50 21.20 -18.71
CA GLY A 45 -12.50 22.25 -18.46
C GLY A 45 -12.74 23.50 -19.30
N THR A 46 -13.96 23.66 -19.84
CA THR A 46 -14.37 24.88 -20.59
C THR A 46 -15.73 25.38 -20.08
N THR A 47 -16.15 24.93 -18.89
CA THR A 47 -17.44 25.34 -18.29
C THR A 47 -17.21 26.32 -17.14
N GLY A 48 -17.81 27.52 -17.21
CA GLY A 48 -17.71 28.48 -16.11
C GLY A 48 -16.61 29.48 -16.35
N ASP A 49 -16.24 30.21 -15.29
CA ASP A 49 -15.14 31.20 -15.36
C ASP A 49 -13.80 30.47 -15.28
N THR A 50 -12.72 31.24 -15.27
CA THR A 50 -11.37 30.65 -15.22
C THR A 50 -11.22 29.81 -13.95
N ASN A 51 -11.63 30.33 -12.81
CA ASN A 51 -11.44 29.60 -11.54
C ASN A 51 -12.25 28.30 -11.56
N THR A 52 -13.44 28.35 -12.15
CA THR A 52 -14.31 27.14 -12.21
C THR A 52 -13.65 26.06 -13.13
N ARG A 53 -13.08 26.45 -14.27
CA ARG A 53 -12.36 25.54 -15.19
C ARG A 53 -11.13 24.99 -14.47
N LYS A 54 -10.36 25.85 -13.80
CA LYS A 54 -9.20 25.42 -13.00
C LYS A 54 -9.67 24.40 -11.96
N ASN A 55 -10.73 24.74 -11.21
CA ASN A 55 -11.24 23.84 -10.15
C ASN A 55 -11.63 22.48 -10.76
N GLU A 56 -12.30 22.49 -11.89
CA GLU A 56 -12.72 21.20 -12.51
C GLU A 56 -11.46 20.37 -12.76
N LEU A 57 -10.43 20.98 -13.36
CA LEU A 57 -9.23 20.22 -13.75
C LEU A 57 -8.48 19.77 -12.50
N ALA A 58 -8.35 20.63 -11.47
CA ALA A 58 -7.75 20.27 -10.17
C ALA A 58 -8.46 19.03 -9.63
N ALA A 59 -9.79 19.04 -9.62
CA ALA A 59 -10.63 17.96 -9.07
C ALA A 59 -10.46 16.68 -9.91
N PHE A 60 -10.45 16.81 -11.24
CA PHE A 60 -10.34 15.66 -12.16
C PHE A 60 -9.00 14.99 -11.94
N PHE A 61 -7.90 15.77 -11.97
CA PHE A 61 -6.53 15.24 -11.71
C PHE A 61 -6.43 14.76 -10.28
N GLY A 62 -7.08 15.39 -9.30
CA GLY A 62 -7.07 14.91 -7.90
C GLY A 62 -7.59 13.49 -7.76
N GLN A 63 -8.79 13.24 -8.27
CA GLN A 63 -9.52 11.96 -8.14
C GLN A 63 -8.77 10.89 -8.92
N THR A 64 -8.40 11.17 -10.17
CA THR A 64 -7.70 10.23 -11.08
C THR A 64 -6.30 9.96 -10.52
N SER A 65 -5.61 10.92 -9.91
CA SER A 65 -4.30 10.71 -9.25
C SER A 65 -4.46 9.68 -8.16
N HIS A 66 -5.52 9.78 -7.34
CA HIS A 66 -5.77 8.78 -6.29
C HIS A 66 -5.93 7.39 -6.90
N GLU A 67 -6.69 7.28 -7.97
CA GLU A 67 -7.07 5.98 -8.59
C GLU A 67 -5.80 5.27 -9.05
N THR A 68 -4.75 6.05 -9.36
CA THR A 68 -3.49 5.56 -9.96
C THR A 68 -2.25 5.86 -9.12
N THR A 69 -2.39 6.19 -7.83
CA THR A 69 -1.25 6.71 -7.08
C THR A 69 -0.28 5.57 -6.78
N GLY A 70 1.01 5.88 -6.86
CA GLY A 70 2.09 5.03 -6.33
C GLY A 70 2.78 5.66 -5.14
N GLY A 71 2.14 6.64 -4.51
CA GLY A 71 2.74 7.45 -3.45
C GLY A 71 2.88 6.69 -2.16
N TRP A 72 3.79 7.16 -1.31
CA TRP A 72 3.80 6.80 0.13
C TRP A 72 4.11 8.05 0.96
N SER A 73 3.96 7.97 2.30
CA SER A 73 4.04 9.13 3.23
C SER A 73 5.29 9.98 2.96
N THR A 74 6.44 9.34 2.72
CA THR A 74 7.79 9.94 2.61
C THR A 74 8.34 9.81 1.19
N ALA A 75 7.50 9.64 0.18
CA ALA A 75 7.99 9.61 -1.22
C ALA A 75 8.63 10.94 -1.55
N PRO A 76 9.51 10.98 -2.56
CA PRO A 76 10.12 12.23 -3.03
C PRO A 76 9.03 13.22 -3.44
N ASP A 77 9.09 14.44 -2.91
CA ASP A 77 8.13 15.55 -3.17
C ASP A 77 6.74 15.26 -2.56
N GLY A 78 6.64 14.28 -1.67
CA GLY A 78 5.43 13.89 -0.93
C GLY A 78 4.55 12.92 -1.70
N PRO A 79 3.51 12.39 -1.03
CA PRO A 79 2.61 11.43 -1.66
C PRO A 79 1.78 12.01 -2.80
N TYR A 80 1.58 13.33 -2.84
CA TYR A 80 0.65 13.99 -3.80
C TYR A 80 1.41 14.39 -5.06
N ALA A 81 2.64 13.88 -5.22
CA ALA A 81 3.44 14.01 -6.45
C ALA A 81 3.50 12.69 -7.23
N TRP A 82 2.79 11.63 -6.80
CA TRP A 82 2.95 10.27 -7.36
C TRP A 82 1.61 9.76 -7.92
N GLY A 83 0.75 10.68 -8.36
CA GLY A 83 -0.40 10.32 -9.21
C GLY A 83 0.05 9.69 -10.52
N TYR A 84 -0.83 8.92 -11.16
CA TYR A 84 -0.66 8.45 -12.56
C TYR A 84 0.58 7.55 -12.67
N CYS A 85 0.83 6.79 -11.63
CA CYS A 85 1.97 5.83 -11.51
C CYS A 85 1.60 4.46 -12.09
N PHE A 86 0.32 4.06 -12.02
CA PHE A 86 -0.25 2.77 -12.52
C PHE A 86 -1.21 3.04 -13.69
N LYS A 87 -1.34 2.08 -14.61
CA LYS A 87 -2.39 2.15 -15.65
C LYS A 87 -3.27 0.91 -15.55
N GLN A 88 -2.96 -0.04 -14.67
CA GLN A 88 -3.83 -1.21 -14.51
C GLN A 88 -3.99 -1.56 -13.04
N GLU A 89 -5.12 -2.16 -12.71
CA GLU A 89 -5.40 -2.60 -11.32
C GLU A 89 -4.25 -3.45 -10.76
N GLN A 90 -3.90 -3.16 -9.52
CA GLN A 90 -2.83 -3.90 -8.85
C GLN A 90 -3.38 -5.17 -8.21
N GLY A 91 -2.56 -5.89 -7.46
CA GLY A 91 -2.93 -7.21 -6.95
C GLY A 91 -2.96 -8.20 -8.09
N ASN A 92 -3.75 -9.26 -7.97
CA ASN A 92 -3.94 -10.27 -9.05
C ASN A 92 -5.40 -10.18 -9.45
N PRO A 93 -5.81 -9.17 -10.28
CA PRO A 93 -7.22 -9.03 -10.62
C PRO A 93 -7.69 -10.16 -11.56
N GLY A 94 -8.89 -10.69 -11.28
CA GLY A 94 -9.63 -11.61 -12.17
C GLY A 94 -10.22 -10.90 -13.37
N ASP A 95 -11.13 -11.55 -14.09
CA ASP A 95 -11.57 -11.11 -15.43
C ASP A 95 -12.63 -10.00 -15.34
N TYR A 96 -13.24 -9.76 -14.16
CA TYR A 96 -14.28 -8.70 -14.01
C TYR A 96 -15.35 -8.88 -15.10
N CYS A 97 -15.73 -10.13 -15.39
CA CYS A 97 -16.81 -10.44 -16.35
C CYS A 97 -18.11 -10.66 -15.55
N VAL A 98 -19.10 -9.80 -15.78
CA VAL A 98 -20.50 -10.04 -15.31
C VAL A 98 -21.38 -10.06 -16.56
N PRO A 99 -21.82 -11.25 -17.02
CA PRO A 99 -22.39 -11.39 -18.34
C PRO A 99 -23.52 -10.39 -18.64
N SER A 100 -23.55 -9.90 -19.87
CA SER A 100 -24.55 -8.95 -20.44
C SER A 100 -24.83 -9.31 -21.90
N SER A 101 -26.11 -9.46 -22.28
CA SER A 101 -26.48 -9.61 -23.71
C SER A 101 -26.14 -8.31 -24.45
N THR A 102 -26.21 -7.15 -23.76
CA THR A 102 -25.94 -5.84 -24.39
C THR A 102 -24.43 -5.69 -24.58
N TYR A 103 -23.62 -6.05 -23.57
CA TYR A 103 -22.15 -5.84 -23.53
C TYR A 103 -21.46 -7.12 -23.10
N PRO A 104 -21.50 -8.15 -23.98
CA PRO A 104 -21.02 -9.48 -23.64
C PRO A 104 -19.50 -9.46 -23.43
N CYS A 105 -19.06 -10.24 -22.46
CA CYS A 105 -17.63 -10.49 -22.16
C CYS A 105 -17.01 -11.16 -23.38
N ALA A 106 -15.90 -10.65 -23.87
CA ALA A 106 -15.16 -11.27 -24.99
C ALA A 106 -14.36 -12.44 -24.40
N PRO A 107 -14.35 -13.60 -25.10
CA PRO A 107 -13.53 -14.74 -24.69
C PRO A 107 -12.07 -14.36 -24.40
N GLY A 108 -11.55 -14.80 -23.24
CA GLY A 108 -10.15 -14.61 -22.80
C GLY A 108 -9.82 -13.19 -22.34
N LYS A 109 -10.76 -12.24 -22.41
CA LYS A 109 -10.52 -10.79 -22.08
C LYS A 109 -10.84 -10.54 -20.61
N LYS A 110 -10.16 -9.56 -20.03
CA LYS A 110 -10.29 -9.21 -18.60
C LYS A 110 -10.64 -7.73 -18.50
N TYR A 111 -11.57 -7.41 -17.61
CA TYR A 111 -12.18 -6.05 -17.49
C TYR A 111 -11.81 -5.41 -16.16
N TYR A 112 -10.63 -5.73 -15.65
CA TYR A 112 -10.12 -5.10 -14.43
C TYR A 112 -9.82 -3.62 -14.70
N GLY A 113 -9.54 -2.90 -13.62
CA GLY A 113 -9.34 -1.44 -13.62
C GLY A 113 -8.22 -1.07 -14.55
N ARG A 114 -8.46 -0.16 -15.48
CA ARG A 114 -7.40 0.40 -16.35
C ARG A 114 -7.58 1.91 -16.48
N GLY A 115 -6.49 2.63 -16.63
CA GLY A 115 -6.52 4.06 -16.96
C GLY A 115 -6.79 4.90 -15.72
N PRO A 116 -6.91 6.22 -15.92
CA PRO A 116 -7.05 7.19 -14.83
C PRO A 116 -8.26 7.07 -13.92
N ILE A 117 -9.38 6.53 -14.38
CA ILE A 117 -10.57 6.29 -13.48
C ILE A 117 -10.67 4.81 -13.12
N GLN A 118 -9.73 3.94 -13.56
CA GLN A 118 -9.74 2.50 -13.26
C GLN A 118 -11.11 1.92 -13.66
N ILE A 119 -11.53 2.22 -14.87
CA ILE A 119 -12.75 1.67 -15.50
C ILE A 119 -12.69 0.15 -15.39
N SER A 120 -13.80 -0.43 -14.86
CA SER A 120 -13.87 -1.86 -14.56
C SER A 120 -15.21 -2.44 -15.00
N TYR A 121 -15.19 -3.74 -15.34
CA TYR A 121 -16.33 -4.62 -15.69
C TYR A 121 -16.72 -4.43 -17.15
N ASN A 122 -17.10 -5.54 -17.79
CA ASN A 122 -17.49 -5.50 -19.22
C ASN A 122 -18.63 -4.51 -19.42
N TYR A 123 -19.55 -4.35 -18.44
CA TYR A 123 -20.70 -3.45 -18.74
C TYR A 123 -20.18 -2.04 -18.98
N ASN A 124 -19.19 -1.64 -18.18
CA ASN A 124 -18.66 -0.26 -18.22
C ASN A 124 -17.76 -0.07 -19.44
N TYR A 125 -16.91 -1.05 -19.80
CA TYR A 125 -16.11 -0.95 -21.04
C TYR A 125 -17.07 -0.82 -22.23
N GLY A 126 -18.19 -1.53 -22.19
CA GLY A 126 -19.11 -1.49 -23.33
C GLY A 126 -19.84 -0.16 -23.42
N LEU A 127 -20.35 0.32 -22.30
CA LEU A 127 -21.06 1.62 -22.28
C LEU A 127 -20.09 2.67 -22.76
N CYS A 128 -18.88 2.62 -22.21
CA CYS A 128 -17.84 3.60 -22.58
C CYS A 128 -17.48 3.48 -24.06
N GLY A 129 -17.16 2.29 -24.51
CA GLY A 129 -16.74 2.07 -25.92
C GLY A 129 -17.82 2.55 -26.88
N ALA A 130 -19.10 2.42 -26.52
CA ALA A 130 -20.21 2.92 -27.36
C ALA A 130 -20.14 4.45 -27.45
N ALA A 131 -19.95 5.12 -26.32
CA ALA A 131 -19.91 6.59 -26.21
C ALA A 131 -18.70 7.19 -26.92
N ILE A 132 -17.54 6.54 -26.87
CA ILE A 132 -16.28 7.10 -27.44
C ILE A 132 -15.94 6.43 -28.77
N ASN A 133 -16.80 5.53 -29.26
CA ASN A 133 -16.63 4.79 -30.55
C ASN A 133 -15.26 4.10 -30.58
N GLN A 134 -14.97 3.25 -29.58
CA GLN A 134 -13.79 2.38 -29.50
C GLN A 134 -14.19 0.97 -29.11
N PRO A 135 -13.51 -0.07 -29.67
CA PRO A 135 -13.82 -1.47 -29.37
C PRO A 135 -13.28 -1.96 -28.03
N LEU A 136 -13.66 -1.26 -26.96
CA LEU A 136 -13.19 -1.56 -25.60
C LEU A 136 -13.72 -2.92 -25.15
N LEU A 137 -14.89 -3.35 -25.63
CA LEU A 137 -15.45 -4.63 -25.18
C LEU A 137 -14.61 -5.79 -25.75
N SER A 138 -14.19 -5.70 -27.00
CA SER A 138 -13.39 -6.74 -27.68
C SER A 138 -11.90 -6.59 -27.35
N ASN A 139 -11.45 -5.40 -26.96
CA ASN A 139 -10.00 -5.10 -26.77
C ASN A 139 -9.84 -4.18 -25.55
N PRO A 140 -10.19 -4.62 -24.33
CA PRO A 140 -10.20 -3.72 -23.18
C PRO A 140 -8.78 -3.24 -22.86
N GLY A 141 -7.76 -4.00 -23.30
CA GLY A 141 -6.34 -3.60 -23.17
C GLY A 141 -6.04 -2.25 -23.78
N LEU A 142 -6.86 -1.76 -24.73
CA LEU A 142 -6.68 -0.40 -25.34
C LEU A 142 -6.61 0.65 -24.25
N VAL A 143 -7.34 0.47 -23.14
CA VAL A 143 -7.40 1.52 -22.10
C VAL A 143 -6.03 1.63 -21.41
N ALA A 144 -5.16 0.63 -21.54
CA ALA A 144 -3.80 0.68 -20.96
C ALA A 144 -2.72 0.70 -22.05
N SER A 145 -3.09 0.56 -23.32
CA SER A 145 -2.09 0.54 -24.44
C SER A 145 -2.14 1.82 -25.28
N ASP A 146 -3.26 2.53 -25.30
CA ASP A 146 -3.46 3.81 -26.03
C ASP A 146 -3.76 4.93 -25.02
N ALA A 147 -2.86 5.90 -24.84
CA ALA A 147 -3.04 6.93 -23.78
C ALA A 147 -4.21 7.86 -24.11
N ASP A 148 -4.49 8.14 -25.39
CA ASP A 148 -5.65 8.99 -25.79
C ASP A 148 -6.94 8.27 -25.35
N ILE A 149 -7.05 6.99 -25.68
CA ILE A 149 -8.21 6.17 -25.23
C ILE A 149 -8.26 6.14 -23.68
N SER A 150 -7.13 6.01 -23.01
CA SER A 150 -7.07 5.88 -21.54
C SER A 150 -7.70 7.14 -20.95
N PHE A 151 -7.28 8.30 -21.43
CA PHE A 151 -7.84 9.58 -20.95
C PHE A 151 -9.34 9.69 -21.30
N GLU A 152 -9.73 9.25 -22.48
CA GLU A 152 -11.15 9.29 -22.94
C GLU A 152 -12.03 8.52 -21.95
N THR A 153 -11.56 7.36 -21.46
CA THR A 153 -12.42 6.56 -20.53
C THR A 153 -12.64 7.35 -19.27
N ALA A 154 -11.60 8.03 -18.78
CA ALA A 154 -11.69 8.75 -17.50
C ALA A 154 -12.61 9.97 -17.66
N ILE A 155 -12.46 10.71 -18.74
CA ILE A 155 -13.28 11.94 -18.99
C ILE A 155 -14.71 11.46 -19.26
N TRP A 156 -14.89 10.36 -19.98
CA TRP A 156 -16.24 9.79 -20.22
C TRP A 156 -16.89 9.57 -18.85
N PHE A 157 -16.18 8.94 -17.91
CA PHE A 157 -16.76 8.64 -16.58
C PHE A 157 -17.13 9.95 -15.90
N TRP A 158 -16.21 10.90 -15.97
CA TRP A 158 -16.31 12.21 -15.30
C TRP A 158 -17.53 12.98 -15.81
N MET A 159 -17.85 12.87 -17.10
CA MET A 159 -18.88 13.72 -17.75
C MET A 159 -20.26 13.05 -17.72
N THR A 160 -20.37 11.82 -17.23
CA THR A 160 -21.59 11.00 -17.45
C THR A 160 -22.40 10.91 -16.18
N PRO A 161 -23.63 11.49 -16.12
CA PRO A 161 -24.46 11.29 -14.94
C PRO A 161 -24.99 9.85 -14.90
N GLN A 162 -25.37 9.42 -13.70
CA GLN A 162 -25.92 8.07 -13.43
C GLN A 162 -27.22 8.26 -12.66
N GLY A 163 -28.27 8.66 -13.38
CA GLY A 163 -29.60 8.85 -12.76
C GLY A 163 -29.52 9.87 -11.66
N ASN A 164 -29.85 9.50 -10.43
CA ASN A 164 -29.89 10.49 -9.32
C ASN A 164 -28.47 10.81 -8.83
N LYS A 165 -27.45 10.17 -9.40
CA LYS A 165 -26.02 10.46 -9.07
C LYS A 165 -25.48 11.36 -10.18
N PRO A 166 -25.11 12.61 -9.86
CA PRO A 166 -24.74 13.57 -10.89
C PRO A 166 -23.40 13.12 -11.51
N SER A 167 -23.06 13.74 -12.64
CA SER A 167 -21.67 13.70 -13.17
C SER A 167 -20.76 14.43 -12.20
N CYS A 168 -19.52 13.94 -12.10
CA CYS A 168 -18.44 14.67 -11.41
C CYS A 168 -18.34 16.08 -12.00
N HIS A 169 -18.48 16.21 -13.32
CA HIS A 169 -18.45 17.48 -14.09
C HIS A 169 -19.46 18.47 -13.51
N ALA A 170 -20.72 18.05 -13.32
CA ALA A 170 -21.75 18.96 -12.79
C ALA A 170 -21.32 19.47 -11.42
N VAL A 171 -20.83 18.59 -10.55
CA VAL A 171 -20.48 18.96 -9.16
C VAL A 171 -19.26 19.88 -9.19
N ALA A 172 -18.24 19.51 -9.94
CA ALA A 172 -16.97 20.27 -9.96
C ALA A 172 -17.20 21.68 -10.54
N THR A 173 -18.24 21.89 -11.35
CA THR A 173 -18.48 23.18 -12.04
C THR A 173 -19.64 23.97 -11.42
N GLY A 174 -20.13 23.54 -10.24
CA GLY A 174 -21.21 24.21 -9.48
C GLY A 174 -22.55 24.17 -10.18
N GLN A 175 -22.81 23.14 -10.99
CA GLN A 175 -24.08 22.98 -11.75
C GLN A 175 -24.94 21.84 -11.20
N TRP A 176 -24.58 21.28 -10.04
CA TRP A 176 -25.35 20.20 -9.39
C TRP A 176 -26.27 20.81 -8.33
N ASN A 177 -27.56 20.55 -8.46
CA ASN A 177 -28.57 20.98 -7.47
C ASN A 177 -28.92 19.80 -6.59
N PRO A 178 -28.41 19.69 -5.36
CA PRO A 178 -28.68 18.52 -4.51
C PRO A 178 -30.18 18.38 -4.19
N SER A 179 -30.73 17.18 -4.35
CA SER A 179 -32.12 16.86 -3.97
C SER A 179 -32.30 16.96 -2.45
N SER A 180 -33.56 16.97 -1.99
CA SER A 180 -33.82 16.85 -0.55
C SER A 180 -33.22 15.57 0.01
N ALA A 181 -33.26 14.46 -0.73
CA ALA A 181 -32.61 13.20 -0.29
C ALA A 181 -31.10 13.43 -0.11
N ASP A 182 -30.50 14.12 -1.06
CA ASP A 182 -29.05 14.42 -1.04
C ASP A 182 -28.74 15.22 0.23
N GLN A 183 -29.54 16.25 0.47
CA GLN A 183 -29.33 17.11 1.67
C GLN A 183 -29.45 16.27 2.94
N ALA A 184 -30.48 15.42 3.05
CA ALA A 184 -30.73 14.58 4.25
C ALA A 184 -29.55 13.63 4.47
N ALA A 185 -28.83 13.28 3.41
CA ALA A 185 -27.76 12.28 3.42
C ALA A 185 -26.43 13.00 3.61
N GLY A 186 -26.48 14.31 3.80
CA GLY A 186 -25.27 15.11 4.04
C GLY A 186 -24.46 15.39 2.79
N ARG A 187 -25.02 15.22 1.59
CA ARG A 187 -24.29 15.38 0.30
C ARG A 187 -24.37 16.84 -0.18
N VAL A 188 -23.49 17.62 0.41
CA VAL A 188 -23.42 19.07 0.14
C VAL A 188 -22.42 19.30 -1.02
N PRO A 189 -22.74 20.06 -2.10
CA PRO A 189 -21.80 20.29 -3.17
C PRO A 189 -20.36 20.55 -2.70
N GLY A 190 -19.40 19.86 -3.32
CA GLY A 190 -17.98 19.97 -2.96
C GLY A 190 -17.25 18.73 -3.46
N TYR A 191 -15.94 18.74 -3.27
CA TYR A 191 -15.05 17.62 -3.67
C TYR A 191 -15.48 16.31 -2.97
N GLY A 192 -16.01 16.39 -1.75
CA GLY A 192 -16.44 15.20 -1.02
C GLY A 192 -17.49 14.45 -1.82
N VAL A 193 -18.44 15.17 -2.42
CA VAL A 193 -19.53 14.48 -3.17
C VAL A 193 -18.91 13.82 -4.41
N ILE A 194 -17.84 14.39 -4.91
CA ILE A 194 -17.15 13.76 -6.09
C ILE A 194 -16.52 12.43 -5.66
N THR A 195 -15.93 12.39 -4.48
CA THR A 195 -15.39 11.12 -3.92
C THR A 195 -16.54 10.13 -3.77
N ASN A 196 -17.67 10.60 -3.27
CA ASN A 196 -18.88 9.77 -3.12
C ASN A 196 -19.31 9.16 -4.46
N ILE A 197 -19.42 9.95 -5.53
CA ILE A 197 -19.78 9.48 -6.89
C ILE A 197 -18.85 8.35 -7.30
N ILE A 198 -17.55 8.54 -7.11
CA ILE A 198 -16.51 7.61 -7.61
C ILE A 198 -16.49 6.34 -6.75
N ASN A 199 -16.50 6.40 -5.42
CA ASN A 199 -16.33 5.15 -4.64
C ASN A 199 -16.98 5.24 -3.26
N GLY A 200 -18.12 5.93 -3.17
CA GLY A 200 -18.74 6.26 -1.87
C GLY A 200 -19.14 5.02 -1.08
N GLY A 201 -19.54 3.95 -1.77
CA GLY A 201 -19.96 2.72 -1.08
C GLY A 201 -18.88 2.28 -0.13
N VAL A 202 -17.64 2.33 -0.59
CA VAL A 202 -16.43 1.85 0.14
C VAL A 202 -15.97 2.93 1.11
N GLU A 203 -16.00 4.22 0.73
CA GLU A 203 -15.14 5.27 1.35
C GLU A 203 -15.89 6.28 2.21
N CYS A 204 -17.19 6.48 2.00
CA CYS A 204 -17.96 7.63 2.54
C CYS A 204 -18.89 7.21 3.69
N GLY A 205 -19.09 8.10 4.67
CA GLY A 205 -20.12 7.93 5.71
C GLY A 205 -19.67 7.06 6.86
N GLN A 206 -18.39 6.71 6.88
CA GLN A 206 -17.81 5.74 7.86
C GLN A 206 -16.76 6.50 8.69
N GLY A 207 -16.77 7.84 8.66
CA GLY A 207 -15.77 8.65 9.39
C GLY A 207 -14.44 8.65 8.65
N GLU A 208 -13.40 9.19 9.30
CA GLU A 208 -12.04 9.36 8.72
C GLU A 208 -11.64 8.08 7.97
N LYS A 209 -11.11 8.22 6.76
CA LYS A 209 -10.72 7.11 5.86
C LYS A 209 -9.52 7.62 5.05
N ALA A 210 -8.39 6.91 5.10
CA ALA A 210 -7.11 7.34 4.47
C ALA A 210 -7.27 7.55 2.95
N GLU A 211 -8.12 6.78 2.27
CA GLU A 211 -8.30 6.89 0.79
C GLU A 211 -8.97 8.24 0.47
N VAL A 212 -9.89 8.66 1.34
CA VAL A 212 -10.59 9.95 1.16
C VAL A 212 -9.59 11.08 1.38
N ALA A 213 -8.81 11.01 2.44
CA ALA A 213 -7.78 12.01 2.82
C ALA A 213 -6.75 12.07 1.70
N ASN A 214 -6.40 10.93 1.11
CA ASN A 214 -5.52 10.88 -0.10
C ASN A 214 -6.12 11.69 -1.27
N ARG A 215 -7.37 11.46 -1.66
CA ARG A 215 -8.06 12.18 -2.75
C ARG A 215 -8.01 13.69 -2.48
N ILE A 216 -8.27 14.08 -1.24
CA ILE A 216 -8.25 15.52 -0.86
C ILE A 216 -6.83 16.08 -1.04
N GLY A 217 -5.82 15.35 -0.58
CA GLY A 217 -4.44 15.87 -0.62
C GLY A 217 -4.00 16.17 -2.04
N PHE A 218 -4.34 15.30 -2.98
CA PHE A 218 -4.01 15.53 -4.42
C PHE A 218 -4.70 16.83 -4.87
N TYR A 219 -5.98 16.96 -4.56
CA TYR A 219 -6.80 18.10 -5.04
C TYR A 219 -6.25 19.40 -4.45
N GLN A 220 -5.87 19.40 -3.17
CA GLN A 220 -5.27 20.55 -2.48
C GLN A 220 -3.95 20.93 -3.17
N ARG A 221 -3.12 19.94 -3.44
CA ARG A 221 -1.82 20.24 -4.11
C ARG A 221 -2.11 20.87 -5.47
N TYR A 222 -3.04 20.32 -6.26
CA TYR A 222 -3.29 20.78 -7.63
C TYR A 222 -4.01 22.15 -7.65
N CYS A 223 -4.89 22.42 -6.68
CA CYS A 223 -5.47 23.77 -6.56
C CYS A 223 -4.32 24.80 -6.45
N SER A 224 -3.34 24.52 -5.60
CA SER A 224 -2.14 25.37 -5.39
C SER A 224 -1.43 25.60 -6.73
N ILE A 225 -1.21 24.53 -7.51
CA ILE A 225 -0.50 24.61 -8.82
C ILE A 225 -1.29 25.48 -9.80
N PHE A 226 -2.63 25.43 -9.76
CA PHE A 226 -3.51 26.23 -10.65
C PHE A 226 -3.68 27.64 -10.10
N GLY A 227 -3.22 27.93 -8.88
CA GLY A 227 -3.32 29.24 -8.22
C GLY A 227 -4.75 29.53 -7.78
N ILE A 228 -5.53 28.50 -7.40
CA ILE A 228 -6.89 28.66 -6.79
C ILE A 228 -6.88 28.08 -5.38
N SER A 229 -7.84 28.48 -4.56
CA SER A 229 -8.03 27.91 -3.21
C SER A 229 -9.00 26.75 -3.37
N PRO A 230 -8.84 25.66 -2.58
CA PRO A 230 -9.77 24.53 -2.68
C PRO A 230 -11.19 24.96 -2.29
N GLY A 231 -12.17 24.17 -2.72
CA GLY A 231 -13.56 24.47 -2.36
C GLY A 231 -13.91 24.03 -0.96
N GLN A 232 -15.19 24.12 -0.63
CA GLN A 232 -15.65 23.67 0.70
C GLN A 232 -16.13 22.22 0.62
N ASN A 233 -16.40 21.60 1.77
CA ASN A 233 -16.99 20.24 1.79
C ASN A 233 -16.03 19.29 1.08
N LEU A 234 -14.79 19.23 1.55
CA LEU A 234 -13.76 18.40 0.86
C LEU A 234 -13.96 16.88 1.09
N ASP A 235 -14.48 16.47 2.25
CA ASP A 235 -14.52 15.03 2.63
C ASP A 235 -15.96 14.53 2.50
N CYS A 236 -16.13 13.23 2.57
CA CYS A 236 -17.48 12.59 2.57
C CYS A 236 -17.63 11.75 3.83
N TYR A 237 -16.91 12.08 4.90
CA TYR A 237 -16.89 11.24 6.11
C TYR A 237 -18.29 11.16 6.71
N ASN A 238 -19.12 12.20 6.54
CA ASN A 238 -20.47 12.29 7.14
C ASN A 238 -21.52 12.30 6.03
N GLN A 239 -21.15 11.86 4.83
CA GLN A 239 -22.11 11.66 3.72
C GLN A 239 -22.53 10.20 3.61
N ARG A 240 -23.84 9.94 3.53
CA ARG A 240 -24.32 8.59 3.16
C ARG A 240 -23.82 8.35 1.73
N PRO A 241 -23.33 7.14 1.42
CA PRO A 241 -23.02 6.81 0.04
C PRO A 241 -24.24 6.98 -0.85
N PHE A 242 -24.06 7.28 -2.13
CA PHE A 242 -25.16 7.16 -3.12
C PHE A 242 -25.53 5.67 -3.15
N SER A 243 -26.80 5.34 -2.91
CA SER A 243 -27.28 3.93 -2.88
C SER A 243 -27.24 3.34 -4.29
N ASP B 1 15.38 6.25 0.06
CA ASP B 1 14.42 5.12 -0.18
C ASP B 1 15.08 3.75 0.08
N VAL B 2 14.32 2.82 0.66
CA VAL B 2 14.85 1.47 1.00
C VAL B 2 15.45 0.82 -0.27
N SER B 3 14.91 1.10 -1.47
CA SER B 3 15.36 0.51 -2.76
C SER B 3 16.80 0.87 -3.08
N SER B 4 17.37 1.94 -2.52
CA SER B 4 18.79 2.31 -2.77
C SER B 4 19.74 1.39 -2.00
N ILE B 5 19.24 0.66 -0.98
CA ILE B 5 20.03 -0.19 -0.03
C ILE B 5 19.84 -1.67 -0.39
N ILE B 6 18.63 -2.06 -0.79
CA ILE B 6 18.30 -3.47 -1.07
C ILE B 6 17.71 -3.59 -2.47
N THR B 7 18.42 -4.38 -3.26
CA THR B 7 18.03 -4.63 -4.66
C THR B 7 17.42 -6.03 -4.74
N SER B 8 16.81 -6.36 -5.87
CA SER B 8 16.16 -7.68 -6.05
C SER B 8 17.19 -8.77 -5.80
N GLN B 9 18.40 -8.57 -6.29
CA GLN B 9 19.43 -9.64 -6.20
C GLN B 9 19.87 -9.80 -4.74
N ILE B 10 20.06 -8.72 -3.98
CA ILE B 10 20.39 -8.83 -2.52
C ILE B 10 19.25 -9.60 -1.83
N PHE B 11 18.00 -9.25 -2.09
CA PHE B 11 16.80 -9.92 -1.50
C PHE B 11 16.84 -11.43 -1.79
N ASN B 12 16.99 -11.78 -3.08
CA ASN B 12 16.96 -13.17 -3.56
C ASN B 12 18.20 -13.91 -3.07
N GLN B 13 19.34 -13.26 -2.94
CA GLN B 13 20.58 -13.96 -2.50
C GLN B 13 20.45 -14.27 -1.01
N MET B 14 19.93 -13.33 -0.22
CA MET B 14 19.61 -13.58 1.21
C MET B 14 18.61 -14.74 1.29
N LEU B 15 17.48 -14.65 0.61
CA LEU B 15 16.36 -15.63 0.72
C LEU B 15 16.52 -16.62 -0.42
N LEU B 16 17.67 -17.29 -0.39
CA LEU B 16 18.16 -18.10 -1.53
C LEU B 16 17.23 -19.26 -1.88
N HIS B 17 16.78 -20.01 -0.88
CA HIS B 17 16.02 -21.26 -1.05
C HIS B 17 14.52 -21.10 -0.79
N ARG B 18 14.02 -19.88 -0.57
CA ARG B 18 12.60 -19.74 -0.17
C ARG B 18 11.70 -20.27 -1.29
N ASN B 19 12.16 -20.26 -2.55
CA ASN B 19 11.22 -20.63 -3.66
C ASN B 19 11.36 -22.11 -4.04
N ASP B 20 12.08 -22.88 -3.24
CA ASP B 20 12.26 -24.34 -3.46
C ASP B 20 10.89 -24.99 -3.24
N ASN B 21 10.56 -26.03 -4.00
CA ASN B 21 9.22 -26.70 -3.88
C ASN B 21 8.98 -27.21 -2.46
N ALA B 22 10.03 -27.48 -1.68
CA ALA B 22 9.89 -28.00 -0.29
C ALA B 22 9.45 -26.86 0.67
N CYS B 23 9.58 -25.59 0.28
CA CYS B 23 9.12 -24.45 1.12
C CYS B 23 7.64 -24.17 0.82
N PRO B 24 6.70 -24.41 1.77
CA PRO B 24 5.29 -24.16 1.47
C PRO B 24 4.96 -22.74 0.99
N ALA B 25 5.77 -21.76 1.33
CA ALA B 25 5.52 -20.36 0.96
C ALA B 25 6.16 -20.07 -0.41
N ASN B 26 6.66 -21.07 -1.12
CA ASN B 26 7.34 -20.76 -2.41
C ASN B 26 6.44 -19.88 -3.29
N GLY B 27 7.01 -18.84 -3.87
CA GLY B 27 6.29 -17.94 -4.79
C GLY B 27 5.66 -16.77 -4.07
N PHE B 28 5.64 -16.79 -2.73
CA PHE B 28 4.81 -15.83 -1.96
C PHE B 28 5.56 -14.53 -1.69
N TYR B 29 6.75 -14.62 -1.10
CA TYR B 29 7.46 -13.44 -0.58
C TYR B 29 8.24 -12.77 -1.70
N SER B 30 7.70 -11.76 -2.35
CA SER B 30 8.38 -11.09 -3.48
C SER B 30 9.16 -9.88 -2.97
N TYR B 31 10.20 -9.54 -3.71
CA TYR B 31 11.00 -8.32 -3.51
C TYR B 31 10.08 -7.11 -3.57
N GLN B 32 9.20 -7.05 -4.55
CA GLN B 32 8.38 -5.82 -4.74
C GLN B 32 7.39 -5.69 -3.58
N ALA B 33 6.87 -6.80 -3.06
CA ALA B 33 5.95 -6.78 -1.90
C ALA B 33 6.68 -6.19 -0.67
N PHE B 34 7.93 -6.56 -0.45
CA PHE B 34 8.76 -6.02 0.65
C PHE B 34 8.94 -4.52 0.47
N ILE B 35 9.30 -4.08 -0.73
CA ILE B 35 9.63 -2.66 -0.99
C ILE B 35 8.36 -1.81 -0.74
N ASN B 36 7.25 -2.29 -1.24
CA ASN B 36 5.95 -1.59 -1.18
C ASN B 36 5.59 -1.45 0.31
N ALA B 37 5.79 -2.51 1.10
CA ALA B 37 5.44 -2.50 2.54
C ALA B 37 6.40 -1.55 3.29
N ALA B 38 7.70 -1.63 3.01
CA ALA B 38 8.77 -0.90 3.72
C ALA B 38 8.49 0.60 3.58
N ARG B 39 8.04 1.03 2.42
CA ARG B 39 7.81 2.46 2.16
C ARG B 39 6.68 3.04 3.02
N LYS B 40 5.78 2.20 3.54
CA LYS B 40 4.63 2.60 4.38
C LYS B 40 5.05 2.90 5.82
N PHE B 41 6.30 2.64 6.16
CA PHE B 41 6.83 2.86 7.52
C PHE B 41 7.97 3.85 7.48
N SER B 42 7.62 5.12 7.74
CA SER B 42 8.61 6.21 7.66
C SER B 42 9.82 5.87 8.55
N GLY B 43 11.03 5.87 7.98
CA GLY B 43 12.27 5.69 8.72
C GLY B 43 12.83 4.29 8.52
N PHE B 44 11.98 3.32 8.10
CA PHE B 44 12.37 1.89 8.04
C PHE B 44 13.39 1.73 6.88
N GLY B 45 14.63 1.42 7.21
CA GLY B 45 15.71 1.24 6.23
C GLY B 45 16.17 2.56 5.62
N THR B 46 15.72 3.69 6.17
CA THR B 46 16.05 5.07 5.66
C THR B 46 16.50 5.96 6.82
N THR B 47 16.92 5.38 7.95
CA THR B 47 17.42 6.11 9.14
C THR B 47 18.93 5.86 9.32
N GLY B 48 19.70 6.93 9.45
CA GLY B 48 21.15 6.84 9.66
C GLY B 48 21.88 6.85 8.35
N ASP B 49 23.19 6.67 8.44
CA ASP B 49 24.11 6.60 7.27
C ASP B 49 23.84 5.27 6.54
N THR B 50 24.53 5.02 5.43
CA THR B 50 24.19 3.85 4.58
C THR B 50 24.45 2.59 5.40
N ASN B 51 25.51 2.54 6.19
CA ASN B 51 25.84 1.28 6.94
C ASN B 51 24.76 1.01 7.97
N THR B 52 24.22 2.05 8.59
CA THR B 52 23.14 1.90 9.60
C THR B 52 21.87 1.37 8.93
N ARG B 53 21.51 1.91 7.78
CA ARG B 53 20.35 1.47 6.96
C ARG B 53 20.53 -0.01 6.56
N LYS B 54 21.69 -0.35 6.01
CA LYS B 54 22.03 -1.76 5.67
C LYS B 54 21.92 -2.67 6.91
N ASN B 55 22.44 -2.20 8.03
CA ASN B 55 22.37 -2.98 9.30
C ASN B 55 20.91 -3.21 9.67
N GLU B 56 20.06 -2.19 9.55
CA GLU B 56 18.65 -2.36 9.98
C GLU B 56 18.00 -3.45 9.12
N LEU B 57 18.18 -3.39 7.80
CA LEU B 57 17.60 -4.45 6.95
C LEU B 57 18.21 -5.84 7.24
N ALA B 58 19.52 -5.95 7.48
CA ALA B 58 20.16 -7.27 7.76
C ALA B 58 19.56 -7.82 9.07
N ALA B 59 19.31 -6.94 10.04
CA ALA B 59 18.72 -7.33 11.34
C ALA B 59 17.25 -7.69 11.16
N PHE B 60 16.50 -6.94 10.37
CA PHE B 60 15.08 -7.25 10.09
C PHE B 60 14.95 -8.63 9.44
N PHE B 61 15.71 -8.82 8.36
CA PHE B 61 15.65 -10.09 7.60
C PHE B 61 16.23 -11.23 8.44
N GLY B 62 17.19 -10.93 9.29
CA GLY B 62 17.79 -11.91 10.21
C GLY B 62 16.72 -12.47 11.14
N GLN B 63 15.97 -11.58 11.79
CA GLN B 63 15.00 -12.00 12.84
C GLN B 63 13.82 -12.69 12.15
N THR B 64 13.28 -12.08 11.07
CA THR B 64 12.11 -12.63 10.35
C THR B 64 12.50 -13.96 9.70
N SER B 65 13.73 -14.13 9.20
CA SER B 65 14.20 -15.41 8.64
C SER B 65 14.13 -16.51 9.70
N HIS B 66 14.56 -16.23 10.92
CA HIS B 66 14.47 -17.24 12.02
C HIS B 66 12.98 -17.61 12.22
N GLU B 67 12.07 -16.64 12.22
CA GLU B 67 10.64 -16.93 12.52
C GLU B 67 10.04 -17.84 11.44
N THR B 68 10.64 -17.89 10.26
CA THR B 68 10.05 -18.58 9.09
C THR B 68 11.01 -19.60 8.50
N THR B 69 12.02 -20.04 9.25
CA THR B 69 13.11 -20.84 8.64
C THR B 69 12.61 -22.26 8.32
N GLY B 70 13.08 -22.78 7.20
CA GLY B 70 13.02 -24.21 6.89
C GLY B 70 14.40 -24.85 6.97
N GLY B 71 15.40 -24.19 7.56
CA GLY B 71 16.79 -24.66 7.54
C GLY B 71 17.02 -25.85 8.49
N TRP B 72 18.19 -26.43 8.39
CA TRP B 72 18.71 -27.42 9.36
C TRP B 72 20.22 -27.45 9.17
N SER B 73 20.93 -28.05 10.11
CA SER B 73 22.42 -28.07 10.16
C SER B 73 23.01 -28.38 8.77
N THR B 74 22.48 -29.34 8.04
CA THR B 74 23.08 -29.88 6.79
C THR B 74 22.30 -29.42 5.55
N ALA B 75 21.44 -28.41 5.66
CA ALA B 75 20.63 -27.96 4.49
C ALA B 75 21.58 -27.54 3.39
N PRO B 76 21.15 -27.61 2.11
CA PRO B 76 21.94 -27.05 1.01
C PRO B 76 22.26 -25.57 1.24
N ASP B 77 23.53 -25.16 1.12
CA ASP B 77 23.98 -23.76 1.30
C ASP B 77 23.83 -23.33 2.77
N GLY B 78 23.65 -24.29 3.67
CA GLY B 78 23.67 -24.06 5.12
C GLY B 78 22.31 -23.56 5.59
N PRO B 79 22.08 -23.57 6.92
CA PRO B 79 20.77 -23.26 7.48
C PRO B 79 20.37 -21.80 7.27
N TYR B 80 21.36 -20.92 7.05
CA TYR B 80 21.11 -19.46 6.93
C TYR B 80 20.76 -19.09 5.48
N ALA B 81 20.48 -20.06 4.63
CA ALA B 81 19.95 -19.83 3.25
C ALA B 81 18.47 -20.19 3.18
N TRP B 82 17.79 -20.52 4.28
CA TRP B 82 16.45 -21.14 4.27
C TRP B 82 15.39 -20.30 5.03
N GLY B 83 15.65 -19.02 5.16
CA GLY B 83 14.64 -18.09 5.71
C GLY B 83 13.44 -17.96 4.81
N TYR B 84 12.29 -17.58 5.35
CA TYR B 84 11.09 -17.23 4.55
C TYR B 84 10.60 -18.44 3.79
N CYS B 85 10.83 -19.64 4.35
CA CYS B 85 10.36 -20.93 3.82
C CYS B 85 8.87 -21.15 4.10
N PHE B 86 8.35 -20.60 5.19
CA PHE B 86 6.96 -20.75 5.67
C PHE B 86 6.25 -19.40 5.71
N LYS B 87 4.94 -19.41 5.54
CA LYS B 87 4.10 -18.21 5.75
C LYS B 87 3.04 -18.49 6.82
N GLN B 88 2.84 -19.76 7.18
CA GLN B 88 1.80 -20.19 8.16
C GLN B 88 2.48 -21.05 9.21
N GLU B 89 2.09 -20.85 10.45
CA GLU B 89 2.64 -21.64 11.55
C GLU B 89 2.58 -23.12 11.19
N GLN B 90 3.66 -23.83 11.47
CA GLN B 90 3.78 -25.30 11.24
C GLN B 90 3.28 -26.03 12.49
N GLY B 91 3.18 -27.34 12.36
CA GLY B 91 2.58 -28.19 13.38
C GLY B 91 1.12 -28.34 13.00
N ASN B 92 0.27 -28.32 14.00
CA ASN B 92 -1.18 -28.36 13.76
C ASN B 92 -1.80 -27.27 14.62
N PRO B 93 -1.51 -25.97 14.36
CA PRO B 93 -1.92 -24.90 15.27
C PRO B 93 -3.43 -24.82 15.50
N GLY B 94 -3.82 -24.48 16.74
CA GLY B 94 -5.21 -24.14 17.11
C GLY B 94 -5.65 -22.77 16.58
N ASP B 95 -6.75 -22.25 17.14
CA ASP B 95 -7.41 -21.02 16.63
C ASP B 95 -6.72 -19.79 17.22
N TYR B 96 -5.94 -19.94 18.29
CA TYR B 96 -5.23 -18.79 18.89
C TYR B 96 -6.24 -17.68 19.17
N CYS B 97 -7.42 -18.09 19.64
CA CYS B 97 -8.48 -17.15 20.10
C CYS B 97 -8.39 -17.03 21.63
N VAL B 98 -8.11 -15.83 22.10
CA VAL B 98 -8.22 -15.44 23.54
C VAL B 98 -9.19 -14.28 23.58
N PRO B 99 -10.45 -14.47 24.04
CA PRO B 99 -11.51 -13.49 23.86
C PRO B 99 -11.10 -12.10 24.33
N SER B 100 -11.47 -11.10 23.54
CA SER B 100 -11.24 -9.67 23.76
C SER B 100 -12.51 -8.95 23.35
N SER B 101 -12.98 -8.02 24.18
CA SER B 101 -14.10 -7.14 23.78
C SER B 101 -13.58 -6.13 22.74
N THR B 102 -12.31 -5.71 22.82
CA THR B 102 -11.70 -4.72 21.90
C THR B 102 -11.46 -5.34 20.52
N TYR B 103 -10.97 -6.58 20.49
CA TYR B 103 -10.55 -7.32 19.26
C TYR B 103 -11.13 -8.72 19.35
N PRO B 104 -12.47 -8.86 19.23
CA PRO B 104 -13.12 -10.14 19.31
C PRO B 104 -12.66 -11.10 18.20
N CYS B 105 -12.55 -12.37 18.55
CA CYS B 105 -12.29 -13.50 17.62
C CYS B 105 -13.47 -13.55 16.66
N ALA B 106 -13.19 -13.50 15.36
CA ALA B 106 -14.26 -13.57 14.33
C ALA B 106 -14.65 -15.03 14.18
N PRO B 107 -15.95 -15.35 13.98
CA PRO B 107 -16.37 -16.75 13.90
C PRO B 107 -15.62 -17.52 12.80
N GLY B 108 -15.10 -18.72 13.13
CA GLY B 108 -14.46 -19.71 12.23
C GLY B 108 -13.03 -19.34 11.85
N LYS B 109 -12.54 -18.19 12.32
CA LYS B 109 -11.22 -17.65 11.94
C LYS B 109 -10.16 -18.20 12.90
N LYS B 110 -8.90 -18.24 12.46
CA LYS B 110 -7.79 -18.77 13.25
C LYS B 110 -6.68 -17.72 13.24
N TYR B 111 -6.06 -17.51 14.39
CA TYR B 111 -5.07 -16.43 14.60
C TYR B 111 -3.69 -17.03 14.87
N TYR B 112 -3.41 -18.20 14.29
CA TYR B 112 -2.07 -18.80 14.39
C TYR B 112 -1.05 -17.90 13.65
N GLY B 113 0.23 -18.17 13.84
CA GLY B 113 1.34 -17.37 13.29
C GLY B 113 1.20 -17.27 11.78
N ARG B 114 1.33 -16.07 11.26
CA ARG B 114 1.43 -15.89 9.79
C ARG B 114 2.47 -14.81 9.46
N GLY B 115 3.10 -14.97 8.30
CA GLY B 115 3.99 -13.96 7.74
C GLY B 115 5.33 -13.92 8.48
N PRO B 116 6.19 -12.95 8.11
CA PRO B 116 7.60 -12.98 8.49
C PRO B 116 7.87 -12.85 10.00
N ILE B 117 6.94 -12.29 10.77
CA ILE B 117 7.10 -12.18 12.25
C ILE B 117 6.16 -13.16 12.97
N GLN B 118 5.40 -13.97 12.23
CA GLN B 118 4.52 -15.00 12.81
C GLN B 118 3.58 -14.32 13.82
N ILE B 119 2.96 -13.22 13.39
CA ILE B 119 1.91 -12.51 14.16
C ILE B 119 0.84 -13.52 14.55
N SER B 120 0.48 -13.52 15.82
CA SER B 120 -0.34 -14.56 16.48
C SER B 120 -1.31 -13.91 17.46
N TYR B 121 -2.51 -14.45 17.56
CA TYR B 121 -3.59 -14.11 18.53
C TYR B 121 -4.44 -12.97 17.98
N ASN B 122 -5.76 -13.06 18.19
CA ASN B 122 -6.75 -12.04 17.75
C ASN B 122 -6.31 -10.68 18.28
N TYR B 123 -5.81 -10.59 19.52
CA TYR B 123 -5.44 -9.26 20.06
C TYR B 123 -4.38 -8.62 19.14
N ASN B 124 -3.39 -9.38 18.69
CA ASN B 124 -2.29 -8.80 17.87
C ASN B 124 -2.75 -8.55 16.44
N TYR B 125 -3.53 -9.47 15.87
CA TYR B 125 -4.16 -9.21 14.55
C TYR B 125 -4.98 -7.92 14.60
N GLY B 126 -5.73 -7.69 15.67
CA GLY B 126 -6.56 -6.48 15.83
C GLY B 126 -5.73 -5.22 15.94
N LEU B 127 -4.71 -5.24 16.80
CA LEU B 127 -3.80 -4.09 17.06
C LEU B 127 -3.15 -3.70 15.74
N CYS B 128 -2.57 -4.70 15.06
CA CYS B 128 -1.85 -4.49 13.78
C CYS B 128 -2.82 -4.00 12.69
N GLY B 129 -3.97 -4.65 12.56
CA GLY B 129 -5.01 -4.32 11.59
C GLY B 129 -5.43 -2.88 11.74
N ALA B 130 -5.60 -2.41 12.99
CA ALA B 130 -5.91 -0.99 13.27
C ALA B 130 -4.78 -0.09 12.80
N ALA B 131 -3.52 -0.45 13.06
CA ALA B 131 -2.35 0.39 12.73
C ALA B 131 -2.14 0.45 11.21
N ILE B 132 -2.36 -0.63 10.45
CA ILE B 132 -2.01 -0.66 9.00
C ILE B 132 -3.29 -0.54 8.16
N ASN B 133 -4.44 -0.30 8.80
CA ASN B 133 -5.74 -0.10 8.10
C ASN B 133 -6.01 -1.30 7.18
N GLN B 134 -5.95 -2.51 7.74
CA GLN B 134 -6.37 -3.75 7.06
C GLN B 134 -7.27 -4.53 7.99
N PRO B 135 -8.26 -5.26 7.44
CA PRO B 135 -9.20 -6.08 8.21
C PRO B 135 -8.62 -7.42 8.67
N LEU B 136 -7.52 -7.38 9.44
CA LEU B 136 -6.80 -8.60 9.87
C LEU B 136 -7.61 -9.35 10.92
N LEU B 137 -8.48 -8.68 11.67
CA LEU B 137 -9.30 -9.40 12.68
C LEU B 137 -10.38 -10.23 11.98
N SER B 138 -11.08 -9.66 10.99
CA SER B 138 -12.15 -10.36 10.25
C SER B 138 -11.55 -11.38 9.27
N ASN B 139 -10.39 -11.06 8.67
CA ASN B 139 -9.76 -11.90 7.61
C ASN B 139 -8.28 -12.10 7.91
N PRO B 140 -7.93 -12.85 8.98
CA PRO B 140 -6.53 -13.00 9.37
C PRO B 140 -5.68 -13.69 8.29
N GLY B 141 -6.34 -14.44 7.42
CA GLY B 141 -5.68 -15.15 6.33
C GLY B 141 -5.03 -14.22 5.34
N LEU B 142 -5.37 -12.92 5.37
CA LEU B 142 -4.72 -11.93 4.48
C LEU B 142 -3.22 -11.92 4.76
N VAL B 143 -2.80 -12.26 5.98
CA VAL B 143 -1.36 -12.22 6.30
C VAL B 143 -0.60 -13.33 5.54
N ALA B 144 -1.31 -14.37 5.10
CA ALA B 144 -0.71 -15.48 4.32
C ALA B 144 -1.17 -15.44 2.85
N SER B 145 -2.07 -14.55 2.45
CA SER B 145 -2.57 -14.53 1.04
C SER B 145 -2.09 -13.30 0.26
N ASP B 146 -1.67 -12.23 0.94
CA ASP B 146 -1.24 -10.97 0.32
C ASP B 146 0.14 -10.63 0.86
N ALA B 147 1.20 -10.76 0.04
CA ALA B 147 2.59 -10.63 0.48
C ALA B 147 2.89 -9.19 0.95
N ASP B 148 2.25 -8.14 0.37
CA ASP B 148 2.47 -6.76 0.84
C ASP B 148 1.96 -6.68 2.28
N ILE B 149 0.76 -7.15 2.52
CA ILE B 149 0.19 -7.10 3.91
C ILE B 149 1.07 -7.95 4.85
N SER B 150 1.50 -9.12 4.38
CA SER B 150 2.36 -10.02 5.18
C SER B 150 3.61 -9.25 5.66
N PHE B 151 4.30 -8.57 4.76
CA PHE B 151 5.47 -7.74 5.11
C PHE B 151 5.06 -6.58 6.03
N GLU B 152 3.91 -5.97 5.79
CA GLU B 152 3.46 -4.84 6.63
C GLU B 152 3.29 -5.31 8.07
N THR B 153 2.79 -6.53 8.30
CA THR B 153 2.59 -7.04 9.70
C THR B 153 3.95 -7.08 10.39
N ALA B 154 4.98 -7.57 9.71
CA ALA B 154 6.31 -7.73 10.30
C ALA B 154 6.97 -6.36 10.54
N ILE B 155 6.82 -5.44 9.59
CA ILE B 155 7.45 -4.10 9.75
C ILE B 155 6.68 -3.34 10.82
N TRP B 156 5.36 -3.46 10.88
CA TRP B 156 4.54 -2.90 11.99
C TRP B 156 5.17 -3.33 13.32
N PHE B 157 5.36 -4.62 13.48
CA PHE B 157 5.94 -5.18 14.72
C PHE B 157 7.29 -4.52 15.01
N TRP B 158 8.14 -4.44 13.98
CA TRP B 158 9.52 -3.92 14.03
C TRP B 158 9.51 -2.44 14.46
N MET B 159 8.53 -1.68 14.03
CA MET B 159 8.51 -0.20 14.21
C MET B 159 7.80 0.19 15.51
N THR B 160 7.18 -0.76 16.21
CA THR B 160 6.21 -0.41 17.29
C THR B 160 6.74 -0.70 18.69
N PRO B 161 7.03 0.35 19.50
CA PRO B 161 7.31 0.10 20.92
C PRO B 161 6.10 -0.54 21.61
N GLN B 162 6.35 -1.38 22.59
CA GLN B 162 5.30 -2.04 23.40
C GLN B 162 5.77 -2.01 24.85
N GLY B 163 5.05 -1.32 25.72
CA GLY B 163 5.36 -1.28 27.17
C GLY B 163 6.74 -0.72 27.40
N ASN B 164 7.63 -1.49 28.07
CA ASN B 164 8.99 -1.05 28.47
C ASN B 164 9.98 -1.48 27.39
N LYS B 165 9.49 -2.06 26.30
CA LYS B 165 10.35 -2.45 25.15
C LYS B 165 10.37 -1.33 24.14
N PRO B 166 11.57 -0.91 23.69
CA PRO B 166 11.63 0.04 22.58
C PRO B 166 11.25 -0.73 21.31
N SER B 167 11.15 -0.03 20.18
CA SER B 167 10.97 -0.69 18.86
C SER B 167 12.27 -1.39 18.51
N CYS B 168 12.17 -2.48 17.75
CA CYS B 168 13.38 -3.06 17.09
C CYS B 168 14.05 -1.99 16.23
N HIS B 169 13.24 -1.13 15.62
CA HIS B 169 13.75 -0.02 14.78
C HIS B 169 14.71 0.88 15.56
N ALA B 170 14.29 1.35 16.75
CA ALA B 170 15.11 2.27 17.59
C ALA B 170 16.44 1.59 17.92
N VAL B 171 16.42 0.31 18.27
CA VAL B 171 17.68 -0.41 18.64
C VAL B 171 18.57 -0.54 17.39
N ALA B 172 17.94 -0.89 16.27
CA ALA B 172 18.68 -1.30 15.04
C ALA B 172 19.40 -0.09 14.44
N THR B 173 18.93 1.11 14.75
CA THR B 173 19.42 2.41 14.18
C THR B 173 20.13 3.22 15.27
N GLY B 174 20.50 2.58 16.38
CA GLY B 174 21.19 3.22 17.52
C GLY B 174 20.46 4.44 18.08
N GLN B 175 19.13 4.48 18.06
CA GLN B 175 18.35 5.61 18.64
C GLN B 175 17.92 5.27 20.06
N TRP B 176 18.16 4.05 20.52
CA TRP B 176 17.71 3.58 21.84
C TRP B 176 18.78 3.88 22.90
N ASN B 177 18.39 4.60 23.95
CA ASN B 177 19.22 4.83 25.16
C ASN B 177 18.65 3.96 26.28
N PRO B 178 19.34 2.89 26.70
CA PRO B 178 18.86 2.00 27.75
C PRO B 178 18.62 2.72 29.09
N SER B 179 17.59 2.33 29.83
CA SER B 179 17.25 2.89 31.16
C SER B 179 18.23 2.31 32.18
N SER B 180 18.33 2.90 33.38
CA SER B 180 19.10 2.31 34.50
C SER B 180 18.65 0.85 34.65
N ALA B 181 17.35 0.58 34.53
CA ALA B 181 16.77 -0.78 34.57
C ALA B 181 17.38 -1.62 33.43
N ASP B 182 17.41 -1.10 32.21
CA ASP B 182 17.99 -1.89 31.08
C ASP B 182 19.49 -2.13 31.36
N GLN B 183 20.20 -1.11 31.82
CA GLN B 183 21.66 -1.22 32.18
C GLN B 183 21.85 -2.34 33.22
N ALA B 184 21.02 -2.33 34.27
CA ALA B 184 21.07 -3.31 35.39
C ALA B 184 20.77 -4.72 34.88
N ALA B 185 19.89 -4.86 33.87
CA ALA B 185 19.53 -6.19 33.30
C ALA B 185 20.55 -6.64 32.22
N GLY B 186 21.57 -5.83 31.91
CA GLY B 186 22.60 -6.17 30.92
C GLY B 186 22.10 -6.00 29.50
N ARG B 187 21.04 -5.21 29.31
CA ARG B 187 20.46 -4.99 27.96
C ARG B 187 21.26 -3.84 27.32
N VAL B 188 22.35 -4.20 26.64
CA VAL B 188 23.27 -3.24 25.96
C VAL B 188 22.86 -3.23 24.50
N PRO B 189 22.92 -2.05 23.83
CA PRO B 189 22.42 -1.92 22.47
C PRO B 189 23.13 -2.90 21.52
N GLY B 190 22.32 -3.55 20.70
CA GLY B 190 22.75 -4.42 19.60
C GLY B 190 21.66 -5.45 19.27
N TYR B 191 22.02 -6.46 18.51
CA TYR B 191 21.08 -7.43 17.90
C TYR B 191 20.45 -8.25 19.03
N GLY B 192 21.21 -8.48 20.10
CA GLY B 192 20.75 -9.25 21.27
C GLY B 192 19.52 -8.63 21.89
N VAL B 193 19.49 -7.31 22.05
CA VAL B 193 18.29 -6.62 22.61
C VAL B 193 17.11 -6.76 21.64
N ILE B 194 17.37 -6.73 20.33
CA ILE B 194 16.30 -7.02 19.34
C ILE B 194 15.71 -8.41 19.57
N THR B 195 16.51 -9.43 19.79
CA THR B 195 15.98 -10.80 20.07
C THR B 195 15.16 -10.73 21.37
N ASN B 196 15.66 -10.00 22.35
CA ASN B 196 14.99 -9.85 23.67
C ASN B 196 13.60 -9.23 23.44
N ILE B 197 13.49 -8.22 22.57
CA ILE B 197 12.19 -7.59 22.21
C ILE B 197 11.23 -8.68 21.66
N ILE B 198 11.71 -9.41 20.68
CA ILE B 198 10.87 -10.39 19.94
C ILE B 198 10.45 -11.53 20.84
N ASN B 199 11.35 -12.15 21.60
CA ASN B 199 10.98 -13.40 22.31
C ASN B 199 11.81 -13.62 23.58
N GLY B 200 12.29 -12.56 24.21
CA GLY B 200 13.24 -12.62 25.33
C GLY B 200 12.73 -13.44 26.49
N GLY B 201 11.43 -13.38 26.76
CA GLY B 201 10.80 -14.20 27.82
C GLY B 201 11.28 -15.63 27.80
N VAL B 202 11.27 -16.23 26.61
CA VAL B 202 11.58 -17.65 26.35
C VAL B 202 13.09 -17.77 26.11
N GLU B 203 13.73 -16.78 25.47
CA GLU B 203 15.04 -17.01 24.79
C GLU B 203 16.23 -16.37 25.53
N CYS B 204 16.05 -15.33 26.33
CA CYS B 204 17.16 -14.46 26.81
C CYS B 204 17.48 -14.75 28.28
N GLY B 205 18.74 -14.53 28.68
CA GLY B 205 19.16 -14.65 30.09
C GLY B 205 19.33 -16.08 30.59
N GLN B 206 19.41 -17.08 29.70
CA GLN B 206 19.54 -18.54 30.00
C GLN B 206 20.79 -19.17 29.39
N GLY B 207 21.76 -18.34 28.96
CA GLY B 207 22.99 -18.83 28.32
C GLY B 207 22.71 -19.16 26.86
N GLU B 208 23.73 -19.65 26.16
CA GLU B 208 23.64 -20.12 24.75
C GLU B 208 22.33 -20.89 24.57
N LYS B 209 21.58 -20.54 23.53
CA LYS B 209 20.30 -21.21 23.20
C LYS B 209 20.19 -21.25 21.68
N ALA B 210 19.77 -22.41 21.13
CA ALA B 210 19.78 -22.70 19.69
C ALA B 210 18.96 -21.65 18.91
N GLU B 211 17.81 -21.23 19.43
CA GLU B 211 16.93 -20.21 18.78
C GLU B 211 17.73 -18.92 18.56
N VAL B 212 18.42 -18.47 19.58
CA VAL B 212 19.19 -17.19 19.52
C VAL B 212 20.37 -17.34 18.56
N ALA B 213 21.14 -18.43 18.65
CA ALA B 213 22.26 -18.71 17.70
C ALA B 213 21.73 -18.68 16.25
N ASN B 214 20.52 -19.15 16.03
CA ASN B 214 19.93 -19.18 14.67
C ASN B 214 19.63 -17.76 14.20
N ARG B 215 19.07 -16.93 15.07
CA ARG B 215 18.79 -15.51 14.75
C ARG B 215 20.12 -14.82 14.40
N ILE B 216 21.16 -15.11 15.14
CA ILE B 216 22.47 -14.42 14.96
C ILE B 216 23.07 -14.86 13.63
N GLY B 217 23.02 -16.15 13.34
CA GLY B 217 23.64 -16.73 12.14
C GLY B 217 23.04 -16.11 10.88
N PHE B 218 21.74 -15.86 10.86
CA PHE B 218 21.07 -15.25 9.70
C PHE B 218 21.56 -13.81 9.55
N TYR B 219 21.59 -13.06 10.66
CA TYR B 219 22.01 -11.65 10.67
C TYR B 219 23.45 -11.55 10.17
N GLN B 220 24.33 -12.42 10.63
CA GLN B 220 25.75 -12.46 10.18
C GLN B 220 25.85 -12.71 8.66
N ARG B 221 25.15 -13.69 8.15
CA ARG B 221 25.16 -14.00 6.70
C ARG B 221 24.66 -12.78 5.92
N TYR B 222 23.59 -12.17 6.37
CA TYR B 222 22.98 -11.00 5.70
C TYR B 222 23.92 -9.79 5.77
N CYS B 223 24.59 -9.58 6.88
CA CYS B 223 25.55 -8.45 6.95
C CYS B 223 26.54 -8.65 5.82
N SER B 224 27.05 -9.87 5.68
CA SER B 224 28.08 -10.19 4.68
C SER B 224 27.55 -9.88 3.29
N ILE B 225 26.30 -10.22 3.01
CA ILE B 225 25.68 -9.96 1.67
C ILE B 225 25.56 -8.45 1.41
N PHE B 226 25.23 -7.66 2.42
CA PHE B 226 25.17 -6.17 2.39
C PHE B 226 26.57 -5.51 2.39
N GLY B 227 27.66 -6.25 2.58
CA GLY B 227 29.01 -5.67 2.61
C GLY B 227 29.29 -4.88 3.89
N ILE B 228 28.69 -5.27 5.01
CA ILE B 228 28.96 -4.65 6.34
C ILE B 228 29.39 -5.74 7.31
N SER B 229 30.07 -5.29 8.36
CA SER B 229 30.48 -6.12 9.51
C SER B 229 29.29 -6.09 10.46
N PRO B 230 28.98 -7.20 11.14
CA PRO B 230 27.87 -7.21 12.09
C PRO B 230 28.24 -6.37 13.31
N GLY B 231 27.23 -5.88 14.05
CA GLY B 231 27.41 -5.05 15.24
C GLY B 231 27.90 -5.85 16.44
N GLN B 232 28.03 -5.24 17.62
CA GLN B 232 28.43 -6.11 18.76
C GLN B 232 27.20 -6.42 19.62
N ASN B 233 27.40 -7.14 20.73
CA ASN B 233 26.28 -7.52 21.62
C ASN B 233 25.27 -8.28 20.77
N LEU B 234 25.75 -9.29 20.06
CA LEU B 234 24.89 -10.06 19.13
C LEU B 234 23.85 -10.86 19.90
N ASP B 235 24.22 -11.38 21.08
CA ASP B 235 23.38 -12.37 21.81
C ASP B 235 22.71 -11.67 22.98
N CYS B 236 21.70 -12.33 23.51
CA CYS B 236 21.02 -11.89 24.76
C CYS B 236 21.18 -12.97 25.85
N TYR B 237 22.23 -13.80 25.78
CA TYR B 237 22.44 -14.96 26.69
C TYR B 237 22.55 -14.53 28.16
N ASN B 238 22.98 -13.31 28.42
CA ASN B 238 23.18 -12.79 29.79
C ASN B 238 22.29 -11.57 30.02
N GLN B 239 21.28 -11.37 29.16
CA GLN B 239 20.32 -10.25 29.36
C GLN B 239 19.08 -10.77 30.07
N ARG B 240 18.63 -10.07 31.11
CA ARG B 240 17.31 -10.36 31.71
C ARG B 240 16.26 -10.00 30.64
N PRO B 241 15.22 -10.84 30.47
CA PRO B 241 14.07 -10.46 29.64
C PRO B 241 13.43 -9.13 30.07
N PHE B 242 12.83 -8.44 29.10
CA PHE B 242 12.12 -7.16 29.31
C PHE B 242 10.91 -7.44 30.19
N SER B 243 10.28 -8.61 30.03
CA SER B 243 9.09 -8.98 30.85
C SER B 243 8.91 -10.49 30.84
#